data_3GEP
#
_entry.id   3GEP
#
_cell.length_a   111.122
_cell.length_b   72.590
_cell.length_c   51.282
_cell.angle_alpha   90.00
_cell.angle_beta   90.00
_cell.angle_gamma   90.00
#
_symmetry.space_group_name_H-M   'P 21 21 2'
#
loop_
_entity.id
_entity.type
_entity.pdbx_description
1 polymer 'Hypoxanthine-guanine phosphoribosyltransferase'
2 non-polymer '{[(1S)-2-(2-amino-6-oxo-1,6-dihydro-9H-purin-9-yl)-1-(hydroxymethyl)ethoxy]methyl}phosphonic acid'
3 water water
#
_entity_poly.entity_id   1
_entity_poly.type   'polypeptide(L)'
_entity_poly.pdbx_seq_one_letter_code
;ATRSPGVVISDDEPGYDLDLFCIPNHYAEDLERVFIPHGLIMDRTERLARDVMKEMGGHHIVALCVLKGGYKFFADLLDY
IKALNRNSDRSIPMTVDFIRLKSYCNDQSTGDIKVIGGDDLSTLTGKNVLIVEDIIDTGKTMQTLLSLVRQYNPKMVKVA
SLLVKRTPRSVGYKPDFVGFEIPDKFVVGYALDYNEYFRDLNHVCVISETGKAKYKA
;
_entity_poly.pdbx_strand_id   A,B
#
loop_
_chem_comp.id
_chem_comp.type
_chem_comp.name
_chem_comp.formula
24H non-polymer '{[(1S)-2-(2-amino-6-oxo-1,6-dihydro-9H-purin-9-yl)-1-(hydroxymethyl)ethoxy]methyl}phosphonic acid' 'C9 H14 N5 O6 P'
#
# COMPACT_ATOMS: atom_id res chain seq x y z
N ARG A 3 13.17 20.08 -2.88
CA ARG A 3 12.09 19.73 -3.85
C ARG A 3 11.89 18.21 -3.93
N SER A 4 10.99 17.70 -3.09
CA SER A 4 10.72 16.26 -3.03
C SER A 4 10.01 15.77 -4.29
N PRO A 5 10.63 14.79 -4.99
CA PRO A 5 10.04 14.28 -6.23
C PRO A 5 8.98 13.21 -5.99
N GLY A 6 8.58 13.04 -4.72
CA GLY A 6 7.63 12.01 -4.33
C GLY A 6 8.33 10.69 -4.06
N VAL A 7 7.54 9.62 -3.97
CA VAL A 7 8.08 8.26 -3.91
C VAL A 7 8.70 7.94 -5.27
N VAL A 8 10.03 7.77 -5.28
CA VAL A 8 10.74 7.44 -6.51
C VAL A 8 10.70 5.95 -6.79
N ILE A 9 10.13 5.59 -7.93
CA ILE A 9 10.20 4.22 -8.44
C ILE A 9 11.32 4.21 -9.49
N SER A 10 12.40 3.50 -9.18
CA SER A 10 13.63 3.51 -9.99
C SER A 10 13.46 2.84 -11.33
N ASP A 11 14.42 3.05 -12.23
CA ASP A 11 14.55 2.24 -13.44
C ASP A 11 15.08 0.84 -13.15
N ASP A 12 15.85 0.73 -12.06
CA ASP A 12 16.57 -0.49 -11.74
C ASP A 12 15.77 -1.45 -10.86
N GLU A 13 14.94 -0.90 -9.98
CA GLU A 13 13.88 -1.68 -9.36
C GLU A 13 12.66 -1.62 -10.30
N PRO A 14 11.74 -0.70 -10.00
CA PRO A 14 10.54 -0.46 -10.80
C PRO A 14 9.36 -1.34 -10.37
N GLY A 15 9.05 -2.35 -11.16
CA GLY A 15 7.83 -3.12 -10.88
C GLY A 15 7.85 -4.06 -9.68
N TYR A 16 6.68 -4.64 -9.43
CA TYR A 16 6.55 -5.91 -8.73
C TYR A 16 6.09 -6.91 -9.78
N ASP A 17 6.45 -8.17 -9.56
CA ASP A 17 5.98 -9.28 -10.35
C ASP A 17 4.45 -9.34 -10.29
N LEU A 18 3.83 -9.64 -11.43
CA LEU A 18 2.38 -9.71 -11.54
C LEU A 18 1.76 -10.75 -10.60
N ASP A 19 2.45 -11.87 -10.44
CA ASP A 19 1.95 -12.98 -9.62
C ASP A 19 2.02 -12.71 -8.12
N LEU A 20 2.54 -11.53 -7.75
CA LEU A 20 2.64 -11.15 -6.33
C LEU A 20 1.39 -10.44 -5.82
N PHE A 21 0.52 -10.02 -6.73
CA PHE A 21 -0.70 -9.29 -6.36
C PHE A 21 -1.96 -9.83 -6.99
N CYS A 22 -3.11 -9.40 -6.48
CA CYS A 22 -4.39 -9.82 -7.03
C CYS A 22 -4.72 -8.94 -8.23
N ILE A 23 -4.79 -9.54 -9.40
CA ILE A 23 -5.17 -8.80 -10.59
C ILE A 23 -6.29 -9.56 -11.31
N PRO A 24 -7.29 -8.84 -11.83
CA PRO A 24 -8.38 -9.51 -12.55
C PRO A 24 -7.87 -10.41 -13.66
N ASN A 25 -8.44 -11.61 -13.76
CA ASN A 25 -7.98 -12.64 -14.71
C ASN A 25 -8.03 -12.22 -16.17
N HIS A 26 -8.98 -11.35 -16.52
CA HIS A 26 -9.09 -10.86 -17.90
C HIS A 26 -7.98 -9.90 -18.32
N TYR A 27 -7.14 -9.48 -17.37
CA TYR A 27 -5.96 -8.68 -17.71
C TYR A 27 -4.66 -9.47 -17.58
N ALA A 28 -4.75 -10.78 -17.40
CA ALA A 28 -3.59 -11.65 -17.20
C ALA A 28 -2.45 -11.39 -18.18
N GLU A 29 -2.80 -11.19 -19.45
CA GLU A 29 -1.83 -11.10 -20.53
C GLU A 29 -1.60 -9.66 -20.98
N ASP A 30 -2.29 -8.73 -20.32
CA ASP A 30 -2.42 -7.35 -20.78
C ASP A 30 -1.49 -6.35 -20.08
N LEU A 31 -0.67 -6.86 -19.17
CA LEU A 31 0.21 -6.01 -18.37
C LEU A 31 1.63 -6.60 -18.34
N GLU A 32 2.62 -5.75 -18.04
CA GLU A 32 4.01 -6.18 -17.91
C GLU A 32 4.39 -6.33 -16.45
N ARG A 33 4.24 -5.25 -15.69
CA ARG A 33 4.54 -5.21 -14.26
C ARG A 33 3.55 -4.33 -13.51
N VAL A 34 3.47 -4.55 -12.20
CA VAL A 34 2.79 -3.63 -11.29
C VAL A 34 3.83 -2.65 -10.74
N PHE A 35 3.58 -1.36 -10.95
CA PHE A 35 4.44 -0.31 -10.40
C PHE A 35 3.98 0.09 -9.01
N ILE A 36 2.67 0.33 -8.86
CA ILE A 36 2.11 0.78 -7.58
C ILE A 36 0.80 0.09 -7.23
N PRO A 37 0.85 -0.88 -6.29
CA PRO A 37 -0.36 -1.47 -5.73
C PRO A 37 -1.35 -0.46 -5.15
N HIS A 38 -2.64 -0.77 -5.26
CA HIS A 38 -3.73 0.12 -4.81
C HIS A 38 -3.50 0.70 -3.42
N GLY A 39 -3.16 -0.17 -2.47
CA GLY A 39 -2.98 0.24 -1.08
C GLY A 39 -1.81 1.19 -0.86
N LEU A 40 -0.71 0.98 -1.58
CA LEU A 40 0.42 1.92 -1.61
C LEU A 40 -0.05 3.31 -2.10
N ILE A 41 -0.83 3.33 -3.17
CA ILE A 41 -1.40 4.59 -3.70
C ILE A 41 -2.17 5.31 -2.60
N MET A 42 -2.97 4.56 -1.84
CA MET A 42 -3.81 5.11 -0.77
C MET A 42 -3.01 5.76 0.35
N ASP A 43 -1.98 5.06 0.82
CA ASP A 43 -1.12 5.54 1.92
C ASP A 43 -0.33 6.79 1.52
N ARG A 44 0.15 6.81 0.28
CA ARG A 44 0.82 7.99 -0.24
C ARG A 44 -0.17 9.16 -0.39
N THR A 45 -1.36 8.87 -0.87
CA THR A 45 -2.41 9.88 -1.00
C THR A 45 -2.84 10.45 0.35
N GLU A 46 -2.86 9.60 1.39
CA GLU A 46 -3.14 10.08 2.73
C GLU A 46 -2.11 11.14 3.12
N ARG A 47 -0.84 10.88 2.84
CA ARG A 47 0.22 11.84 3.13
C ARG A 47 0.09 13.13 2.31
N LEU A 48 -0.16 12.99 1.01
CA LEU A 48 -0.43 14.15 0.13
C LEU A 48 -1.50 15.09 0.69
N ALA A 49 -2.60 14.52 1.16
CA ALA A 49 -3.69 15.27 1.79
C ALA A 49 -3.18 16.12 2.96
N ARG A 50 -2.32 15.54 3.80
CA ARG A 50 -1.73 16.24 4.94
C ARG A 50 -0.74 17.31 4.48
N ASP A 51 0.00 16.99 3.43
CA ASP A 51 0.93 17.95 2.83
C ASP A 51 0.15 19.14 2.29
N VAL A 52 -0.98 18.85 1.61
CA VAL A 52 -1.89 19.87 1.09
C VAL A 52 -2.45 20.80 2.18
N MET A 53 -2.80 20.22 3.33
CA MET A 53 -3.43 20.97 4.40
C MET A 53 -2.44 21.82 5.18
N LYS A 54 -1.19 21.38 5.25
CA LYS A 54 -0.16 22.21 5.84
C LYS A 54 -0.01 23.53 5.06
N GLU A 55 -0.13 23.45 3.75
CA GLU A 55 0.09 24.60 2.88
C GLU A 55 -1.17 25.45 2.63
N MET A 56 -2.33 24.81 2.71
CA MET A 56 -3.58 25.45 2.28
C MET A 56 -4.69 25.34 3.31
N GLY A 57 -4.43 24.60 4.40
CA GLY A 57 -5.43 24.35 5.44
C GLY A 57 -5.92 25.58 6.17
N GLY A 58 -7.10 25.47 6.79
CA GLY A 58 -7.67 26.55 7.58
C GLY A 58 -8.42 27.61 6.77
N HIS A 59 -8.28 27.54 5.45
CA HIS A 59 -8.96 28.44 4.53
C HIS A 59 -9.85 27.61 3.60
N HIS A 60 -10.88 28.26 3.07
CA HIS A 60 -11.82 27.66 2.11
C HIS A 60 -11.18 26.68 1.11
N ILE A 61 -10.33 27.19 0.22
CA ILE A 61 -9.76 26.46 -0.93
C ILE A 61 -10.76 25.84 -1.94
N VAL A 62 -10.41 25.95 -3.22
CA VAL A 62 -11.18 25.36 -4.31
C VAL A 62 -10.41 24.16 -4.90
N ALA A 63 -10.99 22.97 -4.77
CA ALA A 63 -10.42 21.75 -5.33
C ALA A 63 -10.89 21.54 -6.76
N LEU A 64 -9.96 21.67 -7.71
CA LEU A 64 -10.29 21.60 -9.13
C LEU A 64 -9.72 20.35 -9.81
N CYS A 65 -10.62 19.46 -10.19
CA CYS A 65 -10.24 18.22 -10.85
C CYS A 65 -10.05 18.42 -12.34
N VAL A 66 -8.85 18.13 -12.83
CA VAL A 66 -8.62 18.02 -14.26
C VAL A 66 -9.27 16.72 -14.72
N LEU A 67 -10.47 16.86 -15.28
CA LEU A 67 -11.26 15.70 -15.72
C LEU A 67 -11.01 15.39 -17.19
N LYS A 68 -10.41 14.23 -17.44
CA LYS A 68 -10.22 13.69 -18.78
C LYS A 68 -10.97 12.36 -18.87
N GLY A 69 -10.30 11.27 -18.49
CA GLY A 69 -10.92 9.94 -18.47
C GLY A 69 -11.78 9.71 -17.24
N GLY A 70 -11.23 10.06 -16.07
CA GLY A 70 -11.95 9.90 -14.81
C GLY A 70 -11.40 10.79 -13.72
N TYR A 71 -11.88 10.60 -12.50
CA TYR A 71 -11.48 11.44 -11.37
C TYR A 71 -11.24 10.61 -10.10
N LYS A 72 -10.84 9.35 -10.27
CA LYS A 72 -10.60 8.45 -9.13
C LYS A 72 -9.58 8.99 -8.13
N PHE A 73 -8.49 9.59 -8.62
CA PHE A 73 -7.47 10.13 -7.74
C PHE A 73 -7.99 11.34 -6.98
N PHE A 74 -8.65 12.23 -7.72
CA PHE A 74 -9.34 13.38 -7.15
C PHE A 74 -10.25 12.96 -6.01
N ALA A 75 -11.11 11.98 -6.27
CA ALA A 75 -12.09 11.47 -5.30
C ALA A 75 -11.43 10.92 -4.01
N ASP A 76 -10.36 10.16 -4.17
CA ASP A 76 -9.63 9.61 -3.03
C ASP A 76 -8.84 10.69 -2.25
N LEU A 77 -8.22 11.63 -2.96
CA LEU A 77 -7.46 12.72 -2.30
C LEU A 77 -8.42 13.54 -1.45
N LEU A 78 -9.59 13.82 -2.01
CA LEU A 78 -10.62 14.62 -1.34
C LEU A 78 -11.22 13.91 -0.14
N ASP A 79 -11.43 12.61 -0.27
CA ASP A 79 -11.85 11.78 0.87
C ASP A 79 -10.88 11.91 2.05
N TYR A 80 -9.57 11.89 1.78
CA TYR A 80 -8.54 12.08 2.82
C TYR A 80 -8.46 13.50 3.36
N ILE A 81 -8.56 14.49 2.47
CA ILE A 81 -8.56 15.91 2.88
C ILE A 81 -9.77 16.18 3.78
N LYS A 82 -10.93 15.67 3.37
CA LYS A 82 -12.15 15.76 4.16
C LYS A 82 -12.06 15.11 5.55
N ALA A 83 -11.36 13.99 5.65
CA ALA A 83 -11.18 13.33 6.96
C ALA A 83 -10.29 14.14 7.90
N LEU A 84 -9.40 14.96 7.32
CA LEU A 84 -8.57 15.89 8.08
C LEU A 84 -9.33 17.11 8.55
N ASN A 85 -10.28 17.53 7.72
CA ASN A 85 -11.12 18.69 8.03
C ASN A 85 -12.08 18.44 9.21
N ARG A 86 -12.44 17.17 9.40
CA ARG A 86 -13.32 16.73 10.51
C ARG A 86 -12.96 17.29 11.88
N ASN A 87 -11.66 17.34 12.17
CA ASN A 87 -11.15 17.70 13.50
C ASN A 87 -11.13 19.19 13.82
N SER A 88 -11.11 20.03 12.78
CA SER A 88 -11.01 21.48 12.93
C SER A 88 -12.09 22.07 13.84
N ASP A 89 -11.73 23.09 14.61
CA ASP A 89 -12.65 23.72 15.55
CA ASP A 89 -12.65 23.72 15.55
C ASP A 89 -13.77 24.50 14.85
N ARG A 90 -13.41 25.12 13.72
CA ARG A 90 -14.37 25.80 12.86
C ARG A 90 -14.56 24.93 11.61
N SER A 91 -15.79 24.82 11.14
CA SER A 91 -16.05 24.11 9.89
C SER A 91 -15.61 24.96 8.72
N ILE A 92 -14.78 24.37 7.88
CA ILE A 92 -14.18 25.06 6.74
C ILE A 92 -14.90 24.65 5.47
N PRO A 93 -15.45 25.63 4.74
CA PRO A 93 -16.15 25.28 3.50
C PRO A 93 -15.16 24.80 2.43
N MET A 94 -15.64 23.92 1.56
CA MET A 94 -14.81 23.33 0.53
C MET A 94 -15.57 23.34 -0.79
N THR A 95 -15.01 24.01 -1.79
CA THR A 95 -15.59 24.05 -3.12
C THR A 95 -14.93 22.99 -4.00
N VAL A 96 -15.76 22.13 -4.57
CA VAL A 96 -15.31 21.05 -5.43
C VAL A 96 -15.75 21.34 -6.86
N ASP A 97 -14.79 21.44 -7.78
CA ASP A 97 -15.10 21.70 -9.18
C ASP A 97 -14.25 20.87 -10.13
N PHE A 98 -14.71 20.77 -11.37
CA PHE A 98 -14.05 19.98 -12.40
C PHE A 98 -13.73 20.88 -13.59
N ILE A 99 -12.54 20.72 -14.15
CA ILE A 99 -12.27 21.31 -15.46
C ILE A 99 -12.11 20.17 -16.47
N ARG A 100 -13.08 20.07 -17.38
CA ARG A 100 -13.11 18.96 -18.32
C ARG A 100 -12.33 19.28 -19.59
N LEU A 101 -11.33 18.44 -19.88
CA LEU A 101 -10.51 18.59 -21.08
C LEU A 101 -10.84 17.52 -22.12
N LYS A 102 -11.13 17.97 -23.33
CA LYS A 102 -11.44 17.10 -24.47
C LYS A 102 -10.16 16.65 -25.19
N SER A 103 -10.20 15.43 -25.72
CA SER A 103 -9.10 14.84 -26.50
C SER A 103 -8.51 15.79 -27.54
N ASP A 107 -2.07 13.08 -28.27
CA ASP A 107 -1.01 12.79 -27.31
C ASP A 107 0.37 13.05 -27.92
N GLN A 108 0.41 14.00 -28.86
CA GLN A 108 1.66 14.52 -29.44
C GLN A 108 1.59 16.04 -29.49
N SER A 109 0.38 16.57 -29.28
CA SER A 109 0.13 18.01 -29.12
C SER A 109 -0.76 18.23 -27.89
N THR A 110 -0.36 17.63 -26.77
CA THR A 110 -1.15 17.65 -25.53
C THR A 110 -1.20 19.06 -24.90
N GLY A 111 -0.29 19.93 -25.36
CA GLY A 111 -0.25 21.32 -24.93
C GLY A 111 -1.46 22.13 -25.37
N ASP A 112 -2.07 21.74 -26.49
CA ASP A 112 -3.32 22.33 -26.93
C ASP A 112 -4.48 21.78 -26.11
N ILE A 113 -5.06 22.62 -25.25
CA ILE A 113 -6.21 22.19 -24.45
C ILE A 113 -7.53 22.63 -25.08
N LYS A 114 -8.52 21.74 -25.02
CA LYS A 114 -9.89 22.06 -25.38
C LYS A 114 -10.75 21.83 -24.14
N VAL A 115 -11.05 22.92 -23.44
CA VAL A 115 -11.89 22.88 -22.24
C VAL A 115 -13.37 22.83 -22.66
N ILE A 116 -14.13 21.93 -22.05
CA ILE A 116 -15.57 21.85 -22.30
C ILE A 116 -16.36 22.65 -21.26
N GLY A 117 -16.27 22.29 -19.99
CA GLY A 117 -16.98 23.02 -18.94
C GLY A 117 -16.23 24.26 -18.50
N GLY A 118 -16.53 25.40 -19.11
CA GLY A 118 -15.87 26.66 -18.78
C GLY A 118 -16.77 27.72 -18.17
N ASP A 119 -17.73 27.28 -17.35
CA ASP A 119 -18.75 28.16 -16.78
C ASP A 119 -18.32 28.76 -15.44
N ASP A 120 -18.60 30.06 -15.27
CA ASP A 120 -18.17 30.83 -14.10
C ASP A 120 -16.73 30.48 -13.68
N LEU A 121 -15.80 30.57 -14.64
CA LEU A 121 -14.37 30.41 -14.35
C LEU A 121 -13.87 31.50 -13.42
N SER A 122 -14.64 32.59 -13.34
CA SER A 122 -14.36 33.70 -12.43
C SER A 122 -14.69 33.38 -10.97
N THR A 123 -15.09 32.14 -10.69
CA THR A 123 -15.25 31.69 -9.30
C THR A 123 -13.89 31.37 -8.70
N LEU A 124 -12.90 31.22 -9.57
CA LEU A 124 -11.50 30.97 -9.20
C LEU A 124 -10.81 32.24 -8.73
N THR A 125 -11.36 33.39 -9.12
CA THR A 125 -10.79 34.71 -8.82
C THR A 125 -10.74 35.00 -7.31
N GLY A 126 -9.56 35.39 -6.84
CA GLY A 126 -9.33 35.65 -5.42
C GLY A 126 -9.38 34.42 -4.53
N LYS A 127 -9.30 33.23 -5.11
CA LYS A 127 -9.46 32.00 -4.33
C LYS A 127 -8.21 31.13 -4.28
N ASN A 128 -8.09 30.33 -3.22
CA ASN A 128 -6.98 29.38 -3.09
C ASN A 128 -7.33 28.11 -3.86
N VAL A 129 -6.66 27.90 -4.98
CA VAL A 129 -7.03 26.84 -5.92
C VAL A 129 -6.02 25.69 -5.84
N LEU A 130 -6.56 24.47 -5.67
CA LEU A 130 -5.80 23.24 -5.73
C LEU A 130 -6.20 22.48 -6.98
N ILE A 131 -5.30 22.43 -7.95
CA ILE A 131 -5.52 21.70 -9.19
C ILE A 131 -5.02 20.27 -9.01
N VAL A 132 -5.90 19.31 -9.31
CA VAL A 132 -5.58 17.90 -9.11
C VAL A 132 -5.54 17.14 -10.44
N GLU A 133 -4.38 16.53 -10.69
CA GLU A 133 -4.08 15.76 -11.89
C GLU A 133 -3.72 14.32 -11.48
N ASP A 134 -3.99 13.36 -12.36
CA ASP A 134 -3.60 11.97 -12.09
C ASP A 134 -2.22 11.58 -12.62
N ILE A 135 -1.89 12.07 -13.81
CA ILE A 135 -0.59 11.81 -14.42
C ILE A 135 -0.04 13.02 -15.18
N ILE A 136 1.24 13.29 -14.98
CA ILE A 136 1.98 14.22 -15.81
C ILE A 136 3.08 13.47 -16.57
N ASP A 137 3.09 13.68 -17.89
CA ASP A 137 4.07 13.06 -18.78
C ASP A 137 5.05 14.13 -19.32
N THR A 138 4.72 14.77 -20.45
CA THR A 138 5.52 15.88 -20.97
C THR A 138 5.34 17.12 -20.11
N GLY A 139 4.18 17.24 -19.47
CA GLY A 139 3.83 18.42 -18.67
C GLY A 139 3.24 19.58 -19.46
N LYS A 140 3.06 19.40 -20.77
CA LYS A 140 2.52 20.46 -21.65
C LYS A 140 1.08 20.86 -21.32
N THR A 141 0.23 19.85 -21.09
CA THR A 141 -1.17 20.06 -20.72
C THR A 141 -1.28 20.97 -19.51
N MET A 142 -0.53 20.65 -18.48
CA MET A 142 -0.59 21.37 -17.20
C MET A 142 -0.09 22.80 -17.29
N GLN A 143 1.02 23.01 -17.99
CA GLN A 143 1.57 24.37 -18.16
C GLN A 143 0.61 25.29 -18.93
N THR A 144 -0.12 24.75 -19.91
CA THR A 144 -1.10 25.58 -20.63
C THR A 144 -2.38 25.78 -19.81
N LEU A 145 -2.78 24.75 -19.07
CA LEU A 145 -3.91 24.82 -18.15
C LEU A 145 -3.64 25.88 -17.07
N LEU A 146 -2.41 25.92 -16.58
CA LEU A 146 -1.97 26.97 -15.66
C LEU A 146 -2.02 28.38 -16.27
N SER A 147 -1.71 28.50 -17.56
CA SER A 147 -1.86 29.78 -18.27
C SER A 147 -3.31 30.28 -18.20
N LEU A 148 -4.27 29.37 -18.42
CA LEU A 148 -5.69 29.71 -18.41
C LEU A 148 -6.15 30.15 -17.01
N VAL A 149 -5.83 29.33 -16.02
CA VAL A 149 -6.25 29.52 -14.63
C VAL A 149 -5.72 30.83 -14.00
N ARG A 150 -4.45 31.14 -14.27
CA ARG A 150 -3.80 32.34 -13.74
C ARG A 150 -4.37 33.64 -14.31
N GLN A 151 -4.95 33.57 -15.50
CA GLN A 151 -5.60 34.74 -16.12
C GLN A 151 -6.87 35.15 -15.37
N TYR A 152 -7.41 34.24 -14.57
CA TYR A 152 -8.56 34.53 -13.74
C TYR A 152 -8.18 35.01 -12.34
N ASN A 153 -6.88 35.24 -12.16
CA ASN A 153 -6.32 35.81 -10.92
C ASN A 153 -6.74 35.08 -9.64
N PRO A 154 -6.26 33.84 -9.44
CA PRO A 154 -6.52 33.22 -8.14
C PRO A 154 -5.60 33.83 -7.09
N LYS A 155 -5.96 33.68 -5.82
CA LYS A 155 -5.09 34.12 -4.73
C LYS A 155 -3.87 33.22 -4.69
N MET A 156 -4.09 31.92 -4.88
CA MET A 156 -3.03 30.93 -4.88
C MET A 156 -3.42 29.79 -5.80
N VAL A 157 -2.42 29.25 -6.51
CA VAL A 157 -2.58 28.03 -7.29
C VAL A 157 -1.49 27.01 -6.93
N LYS A 158 -1.92 25.85 -6.47
CA LYS A 158 -1.01 24.73 -6.31
C LYS A 158 -1.54 23.55 -7.13
N VAL A 159 -0.62 22.70 -7.56
CA VAL A 159 -0.95 21.51 -8.36
C VAL A 159 -0.49 20.22 -7.67
N ALA A 160 -1.42 19.29 -7.49
CA ALA A 160 -1.09 17.95 -7.01
C ALA A 160 -1.29 16.96 -8.14
N SER A 161 -0.29 16.12 -8.39
CA SER A 161 -0.39 15.06 -9.38
C SER A 161 0.04 13.74 -8.75
N LEU A 162 -0.78 12.70 -8.91
CA LEU A 162 -0.46 11.37 -8.38
C LEU A 162 0.88 10.88 -8.93
N LEU A 163 1.02 10.95 -10.25
CA LEU A 163 2.18 10.45 -10.95
C LEU A 163 2.89 11.52 -11.77
N VAL A 164 4.22 11.52 -11.68
CA VAL A 164 5.07 12.26 -12.61
C VAL A 164 6.03 11.28 -13.29
N LYS A 165 6.02 11.32 -14.62
CA LYS A 165 6.84 10.44 -15.43
C LYS A 165 8.22 11.05 -15.66
N ARG A 166 9.24 10.23 -15.41
CA ARG A 166 10.63 10.61 -15.57
C ARG A 166 11.01 10.47 -17.05
N THR A 167 10.64 11.49 -17.84
CA THR A 167 10.88 11.52 -19.28
C THR A 167 11.80 12.65 -19.72
N PRO A 168 12.73 12.36 -20.66
CA PRO A 168 13.39 13.43 -21.41
C PRO A 168 12.42 14.35 -22.15
N ARG A 169 11.22 13.84 -22.43
CA ARG A 169 10.17 14.59 -23.14
C ARG A 169 9.49 15.65 -22.25
N SER A 170 9.83 15.65 -20.97
CA SER A 170 9.31 16.63 -20.01
C SER A 170 9.80 18.04 -20.31
N VAL A 171 8.87 18.99 -20.33
CA VAL A 171 9.16 20.40 -20.55
C VAL A 171 9.67 21.09 -19.27
N GLY A 172 9.72 20.32 -18.17
CA GLY A 172 10.30 20.78 -16.93
C GLY A 172 9.30 21.25 -15.87
N TYR A 173 8.01 21.16 -16.16
CA TYR A 173 7.01 21.51 -15.16
C TYR A 173 6.99 20.52 -13.99
N LYS A 174 7.18 21.04 -12.78
CA LYS A 174 7.10 20.22 -11.57
C LYS A 174 5.94 20.64 -10.66
N PRO A 175 5.04 19.69 -10.35
CA PRO A 175 3.92 19.96 -9.47
C PRO A 175 4.38 20.27 -8.05
N ASP A 176 3.56 21.00 -7.31
CA ASP A 176 3.82 21.29 -5.91
C ASP A 176 3.74 20.03 -5.05
N PHE A 177 2.80 19.13 -5.38
CA PHE A 177 2.65 17.85 -4.69
C PHE A 177 2.69 16.72 -5.72
N VAL A 178 3.52 15.72 -5.44
CA VAL A 178 3.69 14.56 -6.30
C VAL A 178 3.61 13.29 -5.46
N GLY A 179 2.74 12.38 -5.86
CA GLY A 179 2.67 11.07 -5.22
C GLY A 179 3.89 10.23 -5.51
N PHE A 180 4.07 9.88 -6.79
CA PHE A 180 5.11 8.97 -7.25
C PHE A 180 5.76 9.47 -8.52
N GLU A 181 7.09 9.36 -8.58
CA GLU A 181 7.85 9.56 -9.79
C GLU A 181 8.23 8.21 -10.41
N ILE A 182 7.77 7.98 -11.63
CA ILE A 182 7.80 6.64 -12.22
C ILE A 182 8.68 6.58 -13.45
N PRO A 183 9.14 5.35 -13.83
CA PRO A 183 9.86 5.23 -15.10
C PRO A 183 9.01 5.66 -16.28
N ASP A 184 9.69 5.94 -17.38
CA ASP A 184 9.09 6.38 -18.61
C ASP A 184 8.48 5.20 -19.36
N LYS A 185 7.37 4.69 -18.81
CA LYS A 185 6.59 3.59 -19.40
C LYS A 185 5.11 3.93 -19.36
N PHE A 186 4.34 3.34 -20.27
CA PHE A 186 2.93 3.67 -20.39
C PHE A 186 2.13 2.86 -19.38
N VAL A 187 1.57 3.56 -18.41
CA VAL A 187 0.86 2.94 -17.30
C VAL A 187 -0.65 3.07 -17.41
N VAL A 188 -1.34 2.09 -16.87
CA VAL A 188 -2.79 2.07 -16.77
C VAL A 188 -3.17 1.58 -15.37
N GLY A 189 -4.44 1.73 -15.01
CA GLY A 189 -4.93 1.19 -13.76
C GLY A 189 -5.11 2.27 -12.72
N TYR A 190 -5.81 1.91 -11.64
CA TYR A 190 -6.23 2.85 -10.60
C TYR A 190 -7.11 4.00 -11.10
N ALA A 191 -6.51 4.99 -11.74
CA ALA A 191 -7.23 6.16 -12.24
C ALA A 191 -7.09 6.25 -13.75
N LEU A 192 -6.20 5.45 -14.32
CA LEU A 192 -5.88 5.55 -15.74
C LEU A 192 -6.53 4.45 -16.57
N ASP A 193 -7.40 4.86 -17.50
CA ASP A 193 -7.99 3.93 -18.45
C ASP A 193 -7.24 3.94 -19.78
N TYR A 194 -7.34 2.83 -20.51
CA TYR A 194 -6.88 2.77 -21.89
C TYR A 194 -8.11 2.47 -22.73
N ASN A 195 -8.60 3.49 -23.43
CA ASN A 195 -9.81 3.41 -24.25
C ASN A 195 -10.96 2.73 -23.51
N GLU A 196 -11.14 3.13 -22.26
CA GLU A 196 -12.22 2.66 -21.37
C GLU A 196 -11.97 1.31 -20.69
N TYR A 197 -10.84 0.68 -21.00
CA TYR A 197 -10.44 -0.54 -20.31
C TYR A 197 -9.55 -0.22 -19.13
N PHE A 198 -9.37 -1.22 -18.26
CA PHE A 198 -8.57 -1.15 -17.04
C PHE A 198 -9.21 -0.35 -15.89
N ARG A 199 -10.44 0.12 -16.10
CA ARG A 199 -11.19 0.85 -15.09
C ARG A 199 -11.28 0.03 -13.79
N ASP A 200 -11.35 -1.30 -13.94
CA ASP A 200 -11.50 -2.22 -12.82
C ASP A 200 -10.17 -2.70 -12.22
N LEU A 201 -9.07 -2.32 -12.84
CA LEU A 201 -7.75 -2.64 -12.32
C LEU A 201 -7.36 -1.64 -11.24
N ASN A 202 -7.04 -2.15 -10.05
CA ASN A 202 -6.82 -1.34 -8.84
C ASN A 202 -5.44 -0.70 -8.77
N HIS A 203 -4.49 -1.32 -9.45
CA HIS A 203 -3.09 -0.98 -9.34
C HIS A 203 -2.61 -0.24 -10.57
N VAL A 204 -1.65 0.65 -10.37
CA VAL A 204 -0.95 1.28 -11.48
C VAL A 204 0.04 0.24 -12.03
N CYS A 205 -0.17 -0.15 -13.28
CA CYS A 205 0.61 -1.18 -13.96
C CYS A 205 1.02 -0.71 -15.35
N VAL A 206 2.05 -1.35 -15.92
CA VAL A 206 2.50 -1.07 -17.28
C VAL A 206 1.72 -1.94 -18.26
N ILE A 207 1.10 -1.31 -19.27
CA ILE A 207 0.39 -2.02 -20.32
C ILE A 207 1.38 -2.83 -21.15
N SER A 208 0.99 -4.05 -21.52
CA SER A 208 1.79 -4.87 -22.43
C SER A 208 1.41 -4.55 -23.88
N GLU A 209 2.15 -5.15 -24.81
CA GLU A 209 1.88 -4.95 -26.23
C GLU A 209 0.61 -5.66 -26.69
N THR A 210 0.31 -6.84 -26.12
CA THR A 210 -0.95 -7.53 -26.41
C THR A 210 -2.15 -6.79 -25.78
N GLY A 211 -1.91 -6.14 -24.65
CA GLY A 211 -2.92 -5.26 -24.05
C GLY A 211 -3.17 -4.04 -24.91
N LYS A 212 -2.07 -3.44 -25.38
CA LYS A 212 -2.09 -2.30 -26.29
C LYS A 212 -2.86 -2.60 -27.58
N ALA A 213 -2.66 -3.81 -28.12
CA ALA A 213 -3.30 -4.24 -29.35
C ALA A 213 -4.75 -4.67 -29.14
N LYS A 214 -5.03 -5.31 -28.00
CA LYS A 214 -6.36 -5.81 -27.70
C LYS A 214 -7.35 -4.69 -27.46
N TYR A 215 -6.88 -3.63 -26.81
CA TYR A 215 -7.74 -2.57 -26.30
C TYR A 215 -7.65 -1.25 -27.07
N LYS A 216 -6.98 -1.24 -28.22
CA LYS A 216 -6.83 -0.03 -29.03
C LYS A 216 -8.18 0.49 -29.56
N ALA A 217 -8.23 1.80 -29.82
CA ALA A 217 -9.46 2.46 -30.27
C ALA A 217 -9.77 2.14 -31.73
N ARG B 3 6.57 -22.16 -4.32
CA ARG B 3 7.67 -21.28 -3.91
C ARG B 3 7.55 -19.91 -4.58
N SER B 4 7.07 -18.93 -3.82
CA SER B 4 7.66 -17.60 -3.82
C SER B 4 8.44 -17.33 -2.53
N PRO B 5 9.50 -16.55 -2.64
CA PRO B 5 10.07 -15.85 -1.48
C PRO B 5 9.22 -14.65 -1.05
N GLY B 6 8.25 -14.27 -1.88
CA GLY B 6 7.35 -13.15 -1.60
C GLY B 6 7.88 -11.87 -2.20
N VAL B 7 7.25 -10.75 -1.83
CA VAL B 7 7.72 -9.44 -2.25
C VAL B 7 9.08 -9.17 -1.59
N VAL B 8 10.12 -9.10 -2.41
CA VAL B 8 11.48 -8.93 -1.91
C VAL B 8 11.82 -7.46 -1.74
N ILE B 9 12.05 -7.08 -0.48
CA ILE B 9 12.58 -5.75 -0.15
C ILE B 9 14.09 -5.92 0.03
N SER B 10 14.86 -5.27 -0.84
CA SER B 10 16.30 -5.45 -0.89
C SER B 10 17.05 -4.66 0.18
N ASP B 11 18.28 -5.09 0.47
CA ASP B 11 19.21 -4.34 1.33
C ASP B 11 19.57 -3.01 0.65
N ASP B 12 19.61 -3.04 -0.68
CA ASP B 12 19.88 -1.85 -1.48
C ASP B 12 18.68 -0.91 -1.49
N GLU B 13 18.87 0.29 -0.95
CA GLU B 13 17.79 1.28 -0.76
C GLU B 13 16.49 0.66 -0.24
N PRO B 14 16.46 0.34 1.07
CA PRO B 14 15.37 -0.43 1.68
C PRO B 14 14.21 0.44 2.21
N GLY B 15 13.02 0.23 1.65
CA GLY B 15 11.84 0.99 2.05
C GLY B 15 11.84 2.45 1.62
N TYR B 16 11.23 3.30 2.45
CA TYR B 16 10.92 4.68 2.08
C TYR B 16 11.26 5.65 3.20
N ASP B 17 11.52 6.91 2.85
CA ASP B 17 11.77 7.96 3.82
CA ASP B 17 11.77 7.96 3.82
C ASP B 17 10.50 8.19 4.64
N LEU B 18 10.69 8.50 5.92
CA LEU B 18 9.58 8.70 6.85
C LEU B 18 8.58 9.77 6.40
N ASP B 19 9.07 10.84 5.78
CA ASP B 19 8.22 11.98 5.39
C ASP B 19 7.33 11.76 4.16
N LEU B 20 7.35 10.54 3.60
CA LEU B 20 6.58 10.22 2.40
C LEU B 20 5.25 9.54 2.72
N PHE B 21 5.12 9.08 3.97
CA PHE B 21 3.89 8.46 4.46
C PHE B 21 3.43 9.12 5.75
N CYS B 22 2.17 8.86 6.12
CA CYS B 22 1.58 9.42 7.33
C CYS B 22 1.94 8.53 8.51
N ILE B 23 2.51 9.13 9.53
CA ILE B 23 3.05 8.41 10.66
C ILE B 23 2.62 9.23 11.84
N PRO B 24 2.12 8.58 12.90
CA PRO B 24 1.73 9.32 14.12
C PRO B 24 2.86 10.23 14.58
N ASN B 25 2.51 11.46 14.95
CA ASN B 25 3.49 12.48 15.36
C ASN B 25 4.31 12.03 16.56
N HIS B 26 3.70 11.31 17.50
CA HIS B 26 4.44 10.75 18.65
C HIS B 26 5.51 9.70 18.33
N TYR B 27 5.59 9.24 17.07
CA TYR B 27 6.67 8.34 16.64
C TYR B 27 7.73 8.96 15.73
N ALA B 28 7.70 10.28 15.58
CA ALA B 28 8.65 11.05 14.74
C ALA B 28 10.15 10.75 14.94
N GLU B 29 10.57 10.51 16.19
CA GLU B 29 11.98 10.24 16.51
C GLU B 29 12.27 8.73 16.62
N ASP B 30 11.21 7.92 16.53
CA ASP B 30 11.24 6.54 17.00
C ASP B 30 11.43 5.49 15.90
N LEU B 31 11.47 5.95 14.65
CA LEU B 31 11.62 5.07 13.51
C LEU B 31 12.77 5.53 12.61
N GLU B 32 13.37 4.58 11.89
CA GLU B 32 14.45 4.89 10.96
C GLU B 32 13.93 5.08 9.53
N ARG B 33 13.22 4.06 9.02
CA ARG B 33 12.62 4.09 7.68
C ARG B 33 11.36 3.24 7.72
N VAL B 34 10.47 3.44 6.74
CA VAL B 34 9.28 2.61 6.61
C VAL B 34 9.56 1.58 5.52
N PHE B 35 9.37 0.30 5.86
CA PHE B 35 9.59 -0.81 4.92
C PHE B 35 8.32 -1.09 4.12
N ILE B 36 7.18 -1.19 4.79
CA ILE B 36 5.94 -1.61 4.14
C ILE B 36 4.74 -0.81 4.63
N PRO B 37 4.26 0.15 3.81
CA PRO B 37 3.06 0.89 4.17
C PRO B 37 1.87 -0.06 4.32
N HIS B 38 0.93 0.29 5.20
CA HIS B 38 -0.24 -0.55 5.49
C HIS B 38 -0.96 -1.10 4.24
N GLY B 39 -1.30 -0.23 3.30
CA GLY B 39 -2.03 -0.62 2.11
C GLY B 39 -1.28 -1.65 1.26
N LEU B 40 0.04 -1.60 1.28
CA LEU B 40 0.87 -2.54 0.53
C LEU B 40 0.78 -3.90 1.22
N ILE B 41 0.78 -3.90 2.55
CA ILE B 41 0.55 -5.14 3.34
C ILE B 41 -0.77 -5.79 2.95
N MET B 42 -1.82 -4.97 2.87
CA MET B 42 -3.18 -5.42 2.57
C MET B 42 -3.33 -6.05 1.19
N ASP B 43 -2.72 -5.43 0.18
CA ASP B 43 -2.79 -5.90 -1.19
C ASP B 43 -2.09 -7.26 -1.37
N ARG B 44 -0.93 -7.39 -0.71
CA ARG B 44 -0.17 -8.64 -0.71
C ARG B 44 -0.89 -9.74 0.08
N THR B 45 -1.50 -9.35 1.19
CA THR B 45 -2.29 -10.28 1.99
C THR B 45 -3.46 -10.81 1.14
N GLU B 46 -4.08 -9.94 0.34
CA GLU B 46 -5.16 -10.36 -0.57
C GLU B 46 -4.68 -11.46 -1.52
N ARG B 47 -3.47 -11.31 -2.05
CA ARG B 47 -2.90 -12.33 -2.94
C ARG B 47 -2.57 -13.59 -2.14
N LEU B 48 -2.06 -13.42 -0.92
CA LEU B 48 -1.75 -14.56 -0.05
C LEU B 48 -2.98 -15.43 0.24
N ALA B 49 -4.11 -14.76 0.47
CA ALA B 49 -5.39 -15.41 0.73
C ALA B 49 -5.84 -16.24 -0.46
N ARG B 50 -5.62 -15.69 -1.65
CA ARG B 50 -5.86 -16.39 -2.92
C ARG B 50 -4.98 -17.65 -3.04
N ASP B 51 -3.70 -17.50 -2.71
CA ASP B 51 -2.75 -18.61 -2.71
C ASP B 51 -3.09 -19.70 -1.69
N VAL B 52 -3.52 -19.29 -0.50
CA VAL B 52 -3.92 -20.25 0.55
C VAL B 52 -5.08 -21.12 0.03
N MET B 53 -6.07 -20.49 -0.61
CA MET B 53 -7.25 -21.24 -1.11
C MET B 53 -6.94 -22.20 -2.25
N LYS B 54 -5.97 -21.85 -3.11
CA LYS B 54 -5.44 -22.78 -4.10
C LYS B 54 -5.02 -24.10 -3.43
N GLU B 55 -4.01 -24.03 -2.58
CA GLU B 55 -3.40 -25.22 -1.97
C GLU B 55 -4.34 -25.98 -1.05
N MET B 56 -5.06 -25.26 -0.19
CA MET B 56 -5.89 -25.86 0.84
C MET B 56 -7.36 -25.95 0.45
N HIS B 60 -11.06 -29.64 3.87
CA HIS B 60 -11.36 -28.79 5.02
C HIS B 60 -10.09 -28.15 5.60
N ILE B 61 -10.20 -26.88 5.98
CA ILE B 61 -9.07 -26.13 6.52
C ILE B 61 -9.35 -25.62 7.95
N VAL B 62 -8.34 -25.78 8.83
CA VAL B 62 -8.35 -25.14 10.15
C VAL B 62 -7.23 -24.09 10.22
N ALA B 63 -7.60 -22.84 10.51
CA ALA B 63 -6.67 -21.72 10.51
C ALA B 63 -6.24 -21.37 11.94
N LEU B 64 -4.94 -21.47 12.18
CA LEU B 64 -4.39 -21.36 13.53
C LEU B 64 -3.75 -19.99 13.81
N CYS B 65 -4.34 -19.27 14.75
CA CYS B 65 -3.86 -17.96 15.19
C CYS B 65 -2.92 -18.16 16.37
N VAL B 66 -1.77 -17.48 16.36
CA VAL B 66 -0.82 -17.56 17.47
C VAL B 66 -1.09 -16.41 18.44
N LEU B 67 -1.61 -16.76 19.61
CA LEU B 67 -2.29 -15.79 20.47
C LEU B 67 -1.48 -14.77 21.25
N LYS B 68 -2.17 -13.73 21.72
CA LYS B 68 -1.63 -12.38 21.69
C LYS B 68 -1.14 -12.01 20.30
N GLY B 69 0.18 -11.99 20.13
CA GLY B 69 0.80 -11.14 19.14
C GLY B 69 -0.03 -11.00 17.87
N GLY B 70 -0.69 -12.09 17.50
CA GLY B 70 -0.82 -12.46 16.10
C GLY B 70 -2.26 -12.41 15.62
N TYR B 71 -3.13 -11.79 16.42
CA TYR B 71 -4.52 -11.61 16.04
C TYR B 71 -4.70 -10.70 14.82
N LYS B 72 -3.79 -9.73 14.66
CA LYS B 72 -3.94 -8.66 13.68
C LYS B 72 -3.81 -9.16 12.25
N PHE B 73 -2.65 -9.72 11.91
CA PHE B 73 -2.41 -10.27 10.57
C PHE B 73 -3.36 -11.40 10.28
N PHE B 74 -3.65 -12.22 11.29
CA PHE B 74 -4.60 -13.30 11.20
C PHE B 74 -5.99 -12.79 10.80
N ALA B 75 -6.46 -11.74 11.47
CA ALA B 75 -7.76 -11.14 11.20
C ALA B 75 -7.86 -10.64 9.78
N ASP B 76 -6.81 -9.99 9.29
CA ASP B 76 -6.80 -9.45 7.92
C ASP B 76 -6.71 -10.56 6.88
N LEU B 77 -5.81 -11.52 7.10
CA LEU B 77 -5.70 -12.68 6.21
C LEU B 77 -7.03 -13.46 6.10
N LEU B 78 -7.71 -13.65 7.24
CA LEU B 78 -9.01 -14.33 7.26
C LEU B 78 -10.14 -13.50 6.67
N ASP B 79 -10.07 -12.18 6.83
CA ASP B 79 -11.02 -11.27 6.16
C ASP B 79 -11.02 -11.48 4.66
N TYR B 80 -9.83 -11.50 4.05
CA TYR B 80 -9.69 -11.77 2.61
C TYR B 80 -10.12 -13.17 2.20
N ILE B 81 -9.90 -14.15 3.07
CA ILE B 81 -10.33 -15.53 2.82
C ILE B 81 -11.85 -15.62 2.87
N LYS B 82 -12.46 -14.86 3.78
CA LYS B 82 -13.92 -14.76 3.86
C LYS B 82 -14.48 -14.12 2.59
N ALA B 83 -13.73 -13.19 2.01
CA ALA B 83 -14.16 -12.47 0.82
C ALA B 83 -14.22 -13.37 -0.40
N LEU B 84 -13.26 -14.28 -0.53
CA LEU B 84 -13.25 -15.31 -1.58
C LEU B 84 -14.35 -16.34 -1.33
N ASN B 85 -14.56 -16.70 -0.06
CA ASN B 85 -15.54 -17.72 0.33
C ASN B 85 -17.00 -17.38 0.01
N ARG B 86 -17.33 -16.09 0.02
CA ARG B 86 -18.70 -15.60 -0.19
C ARG B 86 -19.35 -16.07 -1.49
N ASN B 87 -18.55 -16.31 -2.52
CA ASN B 87 -19.05 -16.66 -3.85
C ASN B 87 -19.29 -18.15 -4.09
N SER B 88 -18.87 -19.00 -3.16
CA SER B 88 -18.99 -20.45 -3.31
C SER B 88 -20.45 -20.90 -3.43
N ASP B 89 -20.65 -22.00 -4.16
CA ASP B 89 -21.99 -22.58 -4.34
C ASP B 89 -22.56 -23.09 -3.02
N ARG B 90 -21.63 -23.66 -2.17
CA ARG B 90 -22.04 -24.10 -0.84
C ARG B 90 -21.21 -23.41 0.23
N SER B 91 -21.89 -23.04 1.31
CA SER B 91 -21.22 -22.45 2.46
C SER B 91 -20.29 -23.49 3.07
N ILE B 92 -18.99 -23.20 2.97
CA ILE B 92 -17.95 -24.15 3.34
C ILE B 92 -17.32 -23.77 4.69
N PRO B 93 -17.44 -24.69 5.68
CA PRO B 93 -17.06 -24.41 7.06
C PRO B 93 -15.58 -24.06 7.19
N MET B 94 -15.30 -23.05 8.02
CA MET B 94 -13.93 -22.66 8.29
C MET B 94 -13.77 -22.68 9.81
N THR B 95 -12.83 -23.49 10.28
CA THR B 95 -12.49 -23.56 11.70
C THR B 95 -11.31 -22.63 12.00
N VAL B 96 -11.47 -21.82 13.03
CA VAL B 96 -10.38 -21.01 13.57
C VAL B 96 -9.97 -21.61 14.91
N ASP B 97 -8.67 -21.89 15.05
CA ASP B 97 -8.10 -22.36 16.31
C ASP B 97 -7.06 -21.38 16.86
N PHE B 98 -6.83 -21.47 18.17
CA PHE B 98 -5.90 -20.56 18.86
C PHE B 98 -4.93 -21.30 19.77
N ILE B 99 -3.65 -20.94 19.67
CA ILE B 99 -2.68 -21.30 20.71
C ILE B 99 -1.93 -20.07 21.19
N ARG B 100 -1.63 -20.07 22.49
CA ARG B 100 -0.82 -19.01 23.07
C ARG B 100 0.64 -19.44 23.02
N LEU B 101 1.51 -18.53 22.62
CA LEU B 101 2.94 -18.78 22.56
C LEU B 101 3.68 -17.52 22.96
N LYS B 102 4.56 -17.65 23.95
CA LYS B 102 5.37 -16.55 24.40
C LYS B 102 6.83 -16.95 24.38
N SER B 103 7.69 -16.03 23.94
CA SER B 103 9.14 -16.24 23.95
C SER B 103 9.78 -15.35 25.01
N TYR B 104 10.84 -15.86 25.62
CA TYR B 104 11.65 -15.08 26.55
C TYR B 104 13.10 -15.10 26.11
N CYS B 105 13.75 -13.94 26.20
CA CYS B 105 15.20 -13.85 26.04
C CYS B 105 15.90 -14.75 27.06
N ASN B 106 17.01 -15.32 26.65
CA ASN B 106 17.90 -16.07 27.53
C ASN B 106 19.28 -15.42 27.50
N ASP B 107 19.74 -14.94 28.65
CA ASP B 107 21.02 -14.22 28.78
C ASP B 107 22.21 -15.15 29.01
N GLN B 108 21.92 -16.45 29.11
CA GLN B 108 22.94 -17.48 29.32
C GLN B 108 22.97 -18.44 28.13
N SER B 109 23.80 -19.47 28.24
CA SER B 109 23.76 -20.64 27.33
C SER B 109 23.66 -20.35 25.84
N THR B 110 22.43 -20.40 25.32
CA THR B 110 22.10 -20.39 23.90
C THR B 110 20.70 -21.00 23.72
N GLY B 111 20.24 -21.68 24.76
CA GLY B 111 18.96 -22.39 24.73
C GLY B 111 17.76 -21.48 24.66
N ASP B 112 16.76 -21.90 23.89
CA ASP B 112 15.55 -21.12 23.60
C ASP B 112 14.45 -21.35 24.64
N ILE B 113 13.75 -20.26 25.01
CA ILE B 113 12.60 -20.36 25.91
C ILE B 113 11.27 -20.08 25.21
N LYS B 114 10.43 -21.11 25.15
CA LYS B 114 9.04 -20.98 24.69
C LYS B 114 8.08 -21.39 25.82
N VAL B 115 7.02 -20.61 26.01
CA VAL B 115 5.92 -20.99 26.89
C VAL B 115 4.63 -21.10 26.06
N ILE B 116 4.07 -22.30 26.01
CA ILE B 116 2.83 -22.56 25.28
C ILE B 116 1.66 -22.68 26.27
N GLY B 117 0.58 -21.93 26.02
CA GLY B 117 -0.52 -21.86 26.99
C GLY B 117 -1.97 -22.02 26.50
N GLY B 118 -2.23 -21.67 25.24
CA GLY B 118 -3.60 -21.67 24.72
C GLY B 118 -4.11 -23.05 24.35
N ASP B 120 -5.17 -26.22 24.27
CA ASP B 120 -6.31 -26.95 23.71
C ASP B 120 -6.29 -26.92 22.19
N LEU B 121 -6.23 -28.11 21.58
CA LEU B 121 -6.11 -28.27 20.13
C LEU B 121 -6.78 -29.57 19.66
N SER B 122 -8.02 -29.79 20.08
CA SER B 122 -8.78 -30.99 19.72
C SER B 122 -9.25 -31.00 18.26
N THR B 123 -9.32 -29.81 17.64
CA THR B 123 -9.78 -29.67 16.25
C THR B 123 -8.61 -29.58 15.26
N LEU B 124 -7.79 -30.63 15.20
CA LEU B 124 -6.61 -30.64 14.31
C LEU B 124 -6.38 -31.97 13.59
N THR B 125 -6.93 -33.06 14.14
CA THR B 125 -6.73 -34.39 13.57
C THR B 125 -7.50 -34.55 12.26
N GLY B 126 -6.79 -34.97 11.21
CA GLY B 126 -7.38 -35.16 9.89
C GLY B 126 -7.74 -33.90 9.13
N LYS B 127 -7.32 -32.74 9.64
CA LYS B 127 -7.63 -31.45 9.00
C LYS B 127 -6.41 -30.85 8.30
N ASN B 128 -6.66 -29.94 7.36
CA ASN B 128 -5.59 -29.10 6.79
C ASN B 128 -5.35 -27.92 7.72
N VAL B 129 -4.15 -27.86 8.29
CA VAL B 129 -3.83 -26.81 9.25
C VAL B 129 -2.97 -25.74 8.60
N LEU B 130 -3.38 -24.49 8.78
CA LEU B 130 -2.56 -23.36 8.37
C LEU B 130 -2.02 -22.68 9.61
N ILE B 131 -0.70 -22.68 9.75
CA ILE B 131 -0.02 -21.92 10.78
C ILE B 131 0.15 -20.50 10.23
N VAL B 132 -0.38 -19.52 10.96
CA VAL B 132 -0.23 -18.12 10.59
C VAL B 132 0.74 -17.46 11.56
N GLU B 133 1.81 -16.89 11.02
CA GLU B 133 2.79 -16.15 11.82
C GLU B 133 2.91 -14.70 11.34
N ASP B 134 3.58 -13.87 12.13
CA ASP B 134 3.80 -12.46 11.78
C ASP B 134 5.17 -12.25 11.14
N ILE B 135 6.19 -12.90 11.69
CA ILE B 135 7.58 -12.71 11.26
C ILE B 135 8.42 -13.95 11.55
N ILE B 136 9.25 -14.33 10.59
CA ILE B 136 10.22 -15.39 10.80
C ILE B 136 11.62 -14.78 10.77
N ASP B 137 12.33 -14.97 11.87
CA ASP B 137 13.69 -14.47 12.03
C ASP B 137 14.60 -15.66 12.24
N THR B 138 14.65 -16.18 13.47
CA THR B 138 15.41 -17.40 13.74
C THR B 138 14.68 -18.63 13.22
N GLY B 139 13.35 -18.58 13.24
CA GLY B 139 12.53 -19.70 12.77
C GLY B 139 12.18 -20.69 13.86
N LYS B 140 12.48 -20.33 15.12
CA LYS B 140 12.20 -21.19 16.27
C LYS B 140 10.73 -21.19 16.67
N THR B 141 10.02 -20.09 16.43
CA THR B 141 8.57 -20.03 16.67
C THR B 141 7.86 -20.95 15.69
N MET B 142 8.24 -20.83 14.42
CA MET B 142 7.74 -21.69 13.34
C MET B 142 7.99 -23.15 13.64
N GLN B 143 9.23 -23.47 14.00
CA GLN B 143 9.64 -24.83 14.34
C GLN B 143 8.86 -25.37 15.55
N THR B 144 8.61 -24.50 16.53
CA THR B 144 7.87 -24.89 17.73
C THR B 144 6.40 -25.16 17.41
N LEU B 145 5.83 -24.33 16.54
CA LEU B 145 4.44 -24.44 16.09
C LEU B 145 4.24 -25.71 15.26
N LEU B 146 5.23 -26.02 14.42
CA LEU B 146 5.25 -27.22 13.58
C LEU B 146 5.19 -28.52 14.37
N SER B 147 6.15 -28.74 15.28
CA SER B 147 6.20 -29.98 16.05
C SER B 147 4.98 -30.14 16.97
N LEU B 148 4.39 -29.02 17.38
CA LEU B 148 3.16 -29.01 18.17
C LEU B 148 1.94 -29.43 17.34
N VAL B 149 1.90 -28.99 16.08
CA VAL B 149 0.82 -29.37 15.17
C VAL B 149 0.97 -30.81 14.66
N ARG B 150 2.20 -31.19 14.30
CA ARG B 150 2.51 -32.57 13.88
C ARG B 150 2.12 -33.61 14.93
N GLN B 151 2.04 -33.15 16.17
CA GLN B 151 1.67 -33.95 17.33
C GLN B 151 0.22 -34.46 17.25
N TYR B 152 -0.64 -33.70 16.57
CA TYR B 152 -2.07 -34.04 16.44
C TYR B 152 -2.42 -34.69 15.09
N ASN B 153 -1.39 -35.04 14.32
CA ASN B 153 -1.53 -35.75 13.03
C ASN B 153 -2.46 -35.06 12.01
N PRO B 154 -2.00 -33.93 11.43
CA PRO B 154 -2.83 -33.21 10.46
C PRO B 154 -2.78 -33.86 9.09
N LYS B 155 -3.85 -33.68 8.30
CA LYS B 155 -3.88 -34.10 6.90
C LYS B 155 -2.84 -33.33 6.10
N MET B 156 -2.77 -32.03 6.36
CA MET B 156 -1.78 -31.14 5.75
C MET B 156 -1.33 -30.10 6.77
N VAL B 157 -0.07 -29.66 6.64
CA VAL B 157 0.45 -28.54 7.42
C VAL B 157 1.13 -27.51 6.51
N LYS B 158 0.73 -26.24 6.66
CA LYS B 158 1.35 -25.14 5.95
C LYS B 158 1.63 -23.96 6.88
N VAL B 159 2.70 -23.24 6.58
CA VAL B 159 3.03 -22.02 7.30
C VAL B 159 2.84 -20.83 6.36
N ALA B 160 2.04 -19.86 6.83
CA ALA B 160 1.96 -18.53 6.25
C ALA B 160 2.51 -17.50 7.23
N SER B 161 3.39 -16.63 6.73
CA SER B 161 4.04 -15.62 7.55
C SER B 161 4.08 -14.33 6.73
N LEU B 162 3.67 -13.21 7.32
CA LEU B 162 3.69 -11.94 6.60
C LEU B 162 5.11 -11.52 6.27
N LEU B 163 6.03 -11.76 7.21
CA LEU B 163 7.41 -11.31 7.09
C LEU B 163 8.42 -12.45 7.23
N VAL B 164 9.46 -12.41 6.42
CA VAL B 164 10.62 -13.29 6.57
C VAL B 164 11.88 -12.42 6.47
N LYS B 165 12.71 -12.45 7.51
CA LYS B 165 13.98 -11.70 7.53
C LYS B 165 15.08 -12.43 6.78
N ARG B 166 15.92 -11.67 6.08
CA ARG B 166 17.08 -12.24 5.40
C ARG B 166 18.22 -12.43 6.42
N THR B 167 18.01 -13.36 7.36
CA THR B 167 18.96 -13.71 8.44
C THR B 167 19.42 -15.16 8.27
N PRO B 168 20.65 -15.48 8.71
CA PRO B 168 21.05 -16.90 8.73
C PRO B 168 20.34 -17.70 9.82
N ARG B 169 19.78 -18.85 9.46
CA ARG B 169 19.15 -19.73 10.42
C ARG B 169 19.51 -21.19 10.20
N SER B 170 19.22 -22.02 11.19
CA SER B 170 19.48 -23.45 11.08
C SER B 170 19.13 -23.96 9.69
N VAL B 171 17.84 -24.11 9.43
CA VAL B 171 17.37 -24.59 8.13
C VAL B 171 16.16 -25.49 8.27
N GLY B 172 15.14 -24.99 8.96
CA GLY B 172 13.92 -25.75 9.18
C GLY B 172 13.11 -25.93 7.91
N TYR B 173 11.81 -25.73 8.01
CA TYR B 173 10.93 -25.88 6.85
C TYR B 173 10.48 -24.52 6.31
N LYS B 174 11.25 -24.00 5.35
CA LYS B 174 10.95 -22.71 4.76
C LYS B 174 9.44 -22.49 4.66
N PRO B 175 9.02 -21.24 4.86
CA PRO B 175 7.60 -20.90 4.80
C PRO B 175 6.98 -21.08 3.41
N ASP B 176 5.74 -21.57 3.39
CA ASP B 176 5.00 -21.80 2.15
C ASP B 176 4.42 -20.51 1.59
N PHE B 177 3.80 -19.71 2.45
CA PHE B 177 3.21 -18.44 2.04
C PHE B 177 3.90 -17.27 2.72
N VAL B 178 4.63 -16.47 1.94
CA VAL B 178 5.40 -15.35 2.47
C VAL B 178 4.90 -14.02 1.89
N GLY B 179 4.51 -13.09 2.76
CA GLY B 179 4.16 -11.75 2.31
C GLY B 179 5.40 -11.05 1.79
N PHE B 180 6.34 -10.79 2.70
CA PHE B 180 7.50 -9.95 2.41
C PHE B 180 8.81 -10.53 2.93
N GLU B 181 9.82 -10.55 2.06
CA GLU B 181 11.19 -10.85 2.46
C GLU B 181 11.96 -9.55 2.65
N ILE B 182 12.39 -9.30 3.89
CA ILE B 182 12.85 -7.99 4.32
C ILE B 182 14.31 -8.03 4.81
N PRO B 183 14.99 -6.85 4.82
CA PRO B 183 16.35 -6.83 5.39
C PRO B 183 16.39 -7.27 6.85
N ASP B 184 17.58 -7.61 7.34
CA ASP B 184 17.79 -8.02 8.73
C ASP B 184 17.83 -6.78 9.63
N LYS B 185 16.65 -6.17 9.83
CA LYS B 185 16.46 -5.04 10.75
C LYS B 185 15.32 -5.40 11.72
N PHE B 186 15.31 -4.75 12.88
CA PHE B 186 14.24 -4.93 13.85
C PHE B 186 13.08 -3.99 13.52
N VAL B 187 11.92 -4.60 13.28
CA VAL B 187 10.77 -3.89 12.77
C VAL B 187 9.62 -3.86 13.75
N VAL B 188 8.83 -2.81 13.67
CA VAL B 188 7.66 -2.58 14.52
C VAL B 188 6.57 -2.00 13.63
N GLY B 189 5.34 -1.99 14.13
CA GLY B 189 4.22 -1.50 13.33
C GLY B 189 3.38 -2.60 12.70
N TYR B 190 2.15 -2.23 12.35
CA TYR B 190 1.11 -3.13 11.82
C TYR B 190 0.70 -4.23 12.81
N ALA B 191 1.50 -5.29 12.89
CA ALA B 191 1.22 -6.46 13.75
C ALA B 191 2.25 -6.61 14.87
N LEU B 192 3.35 -5.84 14.79
CA LEU B 192 4.48 -5.97 15.70
C LEU B 192 4.58 -4.78 16.65
N ASP B 193 4.61 -5.04 17.94
CA ASP B 193 4.73 -3.99 18.94
C ASP B 193 6.15 -3.94 19.49
N TYR B 194 6.42 -2.93 20.33
CA TYR B 194 7.64 -2.91 21.10
C TYR B 194 7.24 -2.52 22.51
N ASN B 195 7.23 -3.52 23.40
CA ASN B 195 6.77 -3.34 24.77
C ASN B 195 5.45 -2.55 24.86
N GLU B 196 4.48 -2.99 24.04
CA GLU B 196 3.11 -2.44 23.94
C GLU B 196 2.95 -1.13 23.15
N TYR B 197 4.04 -0.57 22.65
CA TYR B 197 3.98 0.61 21.80
C TYR B 197 3.92 0.23 20.33
N PHE B 198 3.63 1.20 19.47
CA PHE B 198 3.55 1.00 18.01
C PHE B 198 2.33 0.23 17.53
N ARG B 199 1.41 -0.13 18.44
CA ARG B 199 0.18 -0.80 18.00
C ARG B 199 -0.65 0.12 17.10
N ASP B 200 -0.59 1.42 17.36
CA ASP B 200 -1.29 2.41 16.54
C ASP B 200 -0.56 2.77 15.24
N LEU B 201 0.65 2.22 15.06
CA LEU B 201 1.40 2.38 13.81
C LEU B 201 0.98 1.29 12.81
N ASN B 202 0.51 1.73 11.64
CA ASN B 202 -0.09 0.87 10.63
C ASN B 202 0.88 0.23 9.65
N HIS B 203 2.07 0.83 9.57
CA HIS B 203 3.08 0.47 8.58
C HIS B 203 4.17 -0.32 9.26
N VAL B 204 4.82 -1.21 8.51
CA VAL B 204 6.01 -1.91 9.01
C VAL B 204 7.24 -1.02 8.79
N CYS B 205 7.88 -0.65 9.89
CA CYS B 205 9.00 0.29 9.89
C CYS B 205 10.11 -0.21 10.83
N VAL B 206 11.33 0.28 10.61
CA VAL B 206 12.48 -0.05 11.44
C VAL B 206 12.51 0.86 12.65
N ILE B 207 12.66 0.26 13.83
CA ILE B 207 12.73 1.05 15.06
C ILE B 207 14.09 1.78 15.13
N SER B 208 14.09 3.00 15.66
CA SER B 208 15.32 3.76 15.86
C SER B 208 15.86 3.51 17.26
N GLU B 209 17.09 3.97 17.51
CA GLU B 209 17.72 3.83 18.81
C GLU B 209 17.05 4.72 19.85
N THR B 210 16.49 5.85 19.40
CA THR B 210 15.65 6.69 20.27
C THR B 210 14.40 5.93 20.69
N GLY B 211 13.79 5.22 19.73
CA GLY B 211 12.59 4.42 19.97
C GLY B 211 12.84 3.28 20.94
N LYS B 212 13.94 2.55 20.72
CA LYS B 212 14.33 1.44 21.58
C LYS B 212 14.52 1.88 23.03
N ALA B 213 15.22 3.00 23.25
CA ALA B 213 15.51 3.51 24.61
C ALA B 213 14.29 4.16 25.27
N LYS B 214 13.44 4.79 24.47
CA LYS B 214 12.23 5.45 24.99
C LYS B 214 11.17 4.44 25.44
N TYR B 215 10.97 3.37 24.66
CA TYR B 215 9.92 2.37 24.94
C TYR B 215 10.46 1.05 25.53
N LYS B 216 11.64 1.10 26.15
CA LYS B 216 12.41 -0.11 26.51
C LYS B 216 11.73 -1.15 27.42
N ALA B 217 10.98 -0.69 28.41
CA ALA B 217 10.37 -1.56 29.45
C ALA B 217 10.85 -1.20 30.85
C4 24H C . -0.52 8.87 -20.42
C5 24H C . 0.68 8.27 -20.05
C6 24H C . 0.67 7.04 -19.39
C8 24H C . 1.10 10.17 -21.06
O6 24H C . 1.75 6.50 -19.05
N7 24H C . 1.67 9.10 -20.45
N1 24H C . -0.51 6.46 -19.12
C2 24H C . -1.69 7.05 -19.48
N2 24H C . -2.86 6.42 -19.21
N3 24H C . -1.69 8.24 -20.12
N9 24H C . -0.23 10.05 -21.02
CAJ 24H C . -1.18 10.99 -21.60
CAS 24H C . -1.33 12.35 -20.90
CAH 24H C . -2.35 12.19 -19.79
OAD 24H C . -3.49 12.96 -20.21
OAN 24H C . -0.13 13.02 -20.45
CAI 24H C . -0.37 14.45 -20.47
PAU 24H C . 1.10 15.50 -20.73
OAE 24H C . 1.72 15.66 -19.36
OAF 24H C . 1.94 14.79 -21.75
OAC 24H C . 0.57 16.81 -21.27
C4 24H D . 10.68 -9.68 16.25
C5 24H D . 11.46 -9.24 15.19
C6 24H D . 11.27 -7.96 14.68
C8 24H D . 12.04 -11.28 15.67
O6 24H D . 11.96 -7.54 13.73
N7 24H D . 12.30 -10.24 14.85
N1 24H D . 10.32 -7.16 15.24
C2 24H D . 9.56 -7.60 16.28
N2 24H D . 8.64 -6.78 16.84
N3 24H D . 9.75 -8.85 16.78
N9 24H D . 11.05 -10.94 16.53
CAJ 24H D . 10.48 -11.77 17.60
CAS 24H D . 10.20 -13.26 17.29
CAH 24H D . 8.69 -13.43 17.46
OAD 24H D . 8.47 -13.35 18.88
OAN 24H D . 10.69 -13.72 16.02
CAI 24H D . 10.19 -14.96 15.52
PAU 24H D . 11.49 -16.24 15.45
OAE 24H D . 12.79 -15.55 15.76
OAF 24H D . 11.05 -17.21 16.50
OAC 24H D . 11.40 -16.78 14.04
#